data_3D4Q
#
_entry.id   3D4Q
#
_cell.length_a   100.343
_cell.length_b   100.343
_cell.length_c   162.536
_cell.angle_alpha   90.000
_cell.angle_beta   90.000
_cell.angle_gamma   90.000
#
_symmetry.space_group_name_H-M   'P 41 21 2'
#
loop_
_entity.id
_entity.type
_entity.pdbx_description
1 polymer 'B-Raf proto-oncogene serine/threonine-protein kinase'
2 non-polymer '(1E)-5-(1-piperidin-4-yl-3-pyridin-4-yl-1H-pyrazol-4-yl)-2,3-dihydro-1H-inden-1-one oxime'
3 water water
#
_entity_poly.entity_id   1
_entity_poly.type   'polypeptide(L)'
_entity_poly.pdbx_seq_one_letter_code
;MDRGSHHHHHHGSEDRNRMKTLGRRDSSDDWEIPDGQITVGQRIGSGSFGTVYKGKWHGDVAVKMLNVTAPTPQQLQAFK
NEVGVLRKTRHVNILLFMGYSTKPQLAIVTQWCEGSSLYHHLHIIETKFEMIKLIDIARQTAQGMDYLHAKSIIHRDLKS
NNIFLHEDLTVKIGDFGLATVKSRWSGSHQFEQLSGSILWMAPEVIRMQDKNPYSFQSDVYAFGIVLYELMTGQLPYSNI
NNRDQIIFMVGRGYLSPDLSKVRSNCPKAMKRLMAECLKKKRDERPLFPQILASIELLARSLPKIHR
;
_entity_poly.pdbx_strand_id   A,B
#
# COMPACT_ATOMS: atom_id res chain seq x y z
N ASP A 29 -9.09 17.27 -1.66
CA ASP A 29 -7.91 16.60 -1.00
C ASP A 29 -8.33 15.87 0.31
N ASP A 30 -9.16 16.52 1.13
CA ASP A 30 -9.65 15.92 2.38
C ASP A 30 -10.09 14.44 2.25
N TRP A 31 -10.15 13.75 3.38
CA TRP A 31 -10.31 12.31 3.35
C TRP A 31 -11.66 11.94 3.88
N GLU A 32 -12.57 12.90 3.94
CA GLU A 32 -13.91 12.56 4.36
C GLU A 32 -14.68 11.89 3.23
N ILE A 33 -15.53 10.93 3.57
CA ILE A 33 -16.23 10.15 2.58
C ILE A 33 -17.69 10.43 2.81
N PRO A 34 -18.41 10.88 1.76
CA PRO A 34 -19.83 11.27 1.75
C PRO A 34 -20.72 10.11 2.19
N ASP A 35 -21.56 10.33 3.18
CA ASP A 35 -22.49 9.29 3.62
C ASP A 35 -23.13 8.55 2.43
N GLY A 36 -23.36 7.25 2.59
CA GLY A 36 -23.97 6.48 1.52
C GLY A 36 -22.95 5.66 0.74
N GLN A 37 -21.68 6.06 0.75
CA GLN A 37 -20.71 5.45 -0.13
C GLN A 37 -20.09 4.18 0.38
N ILE A 38 -19.75 4.11 1.67
CA ILE A 38 -19.20 2.87 2.21
C ILE A 38 -20.29 1.89 2.52
N THR A 39 -20.05 0.63 2.16
CA THR A 39 -21.05 -0.43 2.31
C THR A 39 -20.51 -1.37 3.39
N VAL A 40 -21.21 -1.48 4.51
CA VAL A 40 -20.66 -2.23 5.61
C VAL A 40 -21.15 -3.68 5.54
N GLY A 41 -20.24 -4.63 5.63
CA GLY A 41 -20.64 -6.02 5.59
C GLY A 41 -20.45 -6.78 6.89
N GLN A 42 -19.70 -7.89 6.80
CA GLN A 42 -19.31 -8.72 7.94
C GLN A 42 -18.81 -7.93 9.16
N ARG A 43 -19.34 -8.24 10.34
CA ARG A 43 -18.66 -7.85 11.55
C ARG A 43 -17.55 -8.89 11.73
N ILE A 44 -16.31 -8.45 11.84
CA ILE A 44 -15.23 -9.39 12.00
C ILE A 44 -14.52 -9.33 13.37
N GLY A 45 -14.83 -8.27 14.13
CA GLY A 45 -14.31 -8.16 15.48
C GLY A 45 -14.13 -6.78 16.09
N SER A 46 -13.09 -6.63 16.92
CA SER A 46 -12.84 -5.40 17.67
C SER A 46 -11.54 -4.72 17.36
N GLY A 47 -11.53 -3.44 17.69
CA GLY A 47 -10.34 -2.62 17.58
C GLY A 47 -10.48 -1.55 18.64
N SER A 48 -9.45 -0.75 18.86
CA SER A 48 -9.52 0.19 19.94
C SER A 48 -10.76 1.03 19.75
N PHE A 49 -11.51 1.25 20.80
CA PHE A 49 -12.68 2.13 20.73
C PHE A 49 -13.74 1.75 19.71
N GLY A 50 -13.82 0.50 19.26
CA GLY A 50 -14.88 0.23 18.30
C GLY A 50 -14.93 -1.14 17.66
N THR A 51 -15.82 -1.27 16.68
CA THR A 51 -16.09 -2.56 16.04
C THR A 51 -15.56 -2.60 14.60
N VAL A 52 -14.89 -3.68 14.22
CA VAL A 52 -14.36 -3.75 12.86
C VAL A 52 -15.27 -4.54 11.91
N TYR A 53 -15.52 -3.96 10.75
CA TYR A 53 -16.24 -4.66 9.69
C TYR A 53 -15.37 -4.82 8.47
N LYS A 54 -15.62 -5.88 7.70
CA LYS A 54 -15.25 -5.86 6.28
C LYS A 54 -16.27 -5.05 5.45
N GLY A 55 -15.77 -4.25 4.53
CA GLY A 55 -16.66 -3.37 3.79
C GLY A 55 -16.23 -3.11 2.35
N LYS A 56 -17.01 -2.29 1.66
CA LYS A 56 -16.72 -2.00 0.27
C LYS A 56 -16.73 -0.50 0.08
N TRP A 57 -15.60 -0.01 -0.41
CA TRP A 57 -15.48 1.38 -0.84
C TRP A 57 -14.30 1.46 -1.79
N HIS A 58 -14.57 1.56 -3.09
CA HIS A 58 -13.55 1.46 -4.13
C HIS A 58 -12.78 0.19 -3.98
N GLY A 59 -13.52 -0.88 -3.74
CA GLY A 59 -12.93 -2.17 -3.45
C GLY A 59 -13.19 -2.58 -2.02
N ASP A 60 -12.56 -3.66 -1.60
CA ASP A 60 -12.56 -4.12 -0.24
C ASP A 60 -11.84 -3.14 0.70
N VAL A 61 -12.47 -2.87 1.83
CA VAL A 61 -11.87 -2.08 2.89
C VAL A 61 -12.15 -2.73 4.26
N ALA A 62 -11.32 -2.41 5.25
CA ALA A 62 -11.71 -2.62 6.66
C ALA A 62 -12.30 -1.31 7.12
N VAL A 63 -13.40 -1.40 7.86
CA VAL A 63 -14.00 -0.22 8.50
C VAL A 63 -14.09 -0.43 9.99
N LYS A 64 -13.50 0.47 10.78
CA LYS A 64 -13.76 0.50 12.24
C LYS A 64 -14.72 1.61 12.63
N MET A 65 -15.78 1.21 13.33
CA MET A 65 -16.81 2.12 13.74
C MET A 65 -16.83 2.30 15.23
N LEU A 66 -16.86 3.58 15.66
CA LEU A 66 -16.45 4.03 17.02
C LEU A 66 -17.68 4.43 17.86
N ASN A 67 -18.82 3.81 17.58
CA ASN A 67 -20.08 4.51 17.62
C ASN A 67 -21.27 3.61 17.96
N VAL A 68 -22.31 4.26 18.46
CA VAL A 68 -23.67 4.04 18.02
C VAL A 68 -24.38 5.17 18.72
N THR A 69 -25.68 5.33 18.45
CA THR A 69 -26.57 6.15 19.29
C THR A 69 -26.19 7.65 19.35
N ALA A 70 -24.90 7.97 19.21
CA ALA A 70 -24.35 9.33 19.27
C ALA A 70 -23.07 9.27 20.09
N PRO A 71 -22.00 9.87 19.57
CA PRO A 71 -20.70 9.78 20.27
C PRO A 71 -20.58 10.58 21.59
N THR A 72 -20.07 9.90 22.62
CA THR A 72 -19.38 10.51 23.77
C THR A 72 -18.39 11.55 23.27
N PRO A 73 -18.04 12.52 24.11
CA PRO A 73 -16.86 13.34 23.82
C PRO A 73 -15.59 12.46 23.88
N GLN A 74 -15.66 11.37 24.63
CA GLN A 74 -14.58 10.39 24.67
C GLN A 74 -14.27 9.91 23.24
N GLN A 75 -15.29 9.31 22.64
CA GLN A 75 -15.14 8.61 21.38
C GLN A 75 -14.79 9.62 20.31
N LEU A 76 -15.48 10.76 20.33
CA LEU A 76 -15.18 11.85 19.43
C LEU A 76 -13.69 12.21 19.45
N GLN A 77 -13.12 12.24 20.64
CA GLN A 77 -11.71 12.54 20.82
C GLN A 77 -10.83 11.42 20.25
N ALA A 78 -11.21 10.18 20.53
CA ALA A 78 -10.41 9.04 20.11
C ALA A 78 -10.35 9.05 18.61
N PHE A 79 -11.49 9.33 17.98
CA PHE A 79 -11.65 9.21 16.54
C PHE A 79 -10.85 10.34 15.89
N LYS A 80 -10.98 11.54 16.42
CA LYS A 80 -10.19 12.65 15.88
C LYS A 80 -8.68 12.46 16.02
N ASN A 81 -8.23 11.93 17.16
CA ASN A 81 -6.80 11.64 17.34
C ASN A 81 -6.32 10.62 16.31
N GLU A 82 -7.10 9.56 16.11
CA GLU A 82 -6.61 8.46 15.30
C GLU A 82 -6.56 8.84 13.83
N VAL A 83 -7.61 9.48 13.33
CA VAL A 83 -7.57 9.96 11.96
C VAL A 83 -6.40 10.90 11.81
N GLY A 84 -6.13 11.70 12.83
CA GLY A 84 -5.03 12.64 12.75
C GLY A 84 -3.68 11.97 12.56
N VAL A 85 -3.45 10.89 13.30
CA VAL A 85 -2.20 10.16 13.21
C VAL A 85 -2.12 9.40 11.89
N LEU A 86 -3.24 8.78 11.49
CA LEU A 86 -3.24 7.93 10.29
C LEU A 86 -2.82 8.75 9.06
N ARG A 87 -3.38 9.96 8.95
CA ARG A 87 -3.09 10.76 7.79
C ARG A 87 -1.67 11.31 7.79
N LYS A 88 -0.88 10.93 8.77
CA LYS A 88 0.52 11.28 8.74
C LYS A 88 1.35 10.10 8.27
N THR A 89 0.67 8.97 7.98
CA THR A 89 1.37 7.75 7.53
C THR A 89 1.20 7.41 6.04
N ARG A 90 2.29 7.05 5.39
CA ARG A 90 2.27 6.57 4.02
C ARG A 90 3.48 5.65 3.88
N HIS A 91 3.26 4.36 4.05
CA HIS A 91 4.39 3.45 4.06
C HIS A 91 3.89 2.00 3.99
N VAL A 92 4.49 1.15 3.15
CA VAL A 92 4.00 -0.23 2.96
C VAL A 92 3.77 -1.04 4.25
N ASN A 93 4.41 -0.67 5.33
CA ASN A 93 4.26 -1.49 6.52
C ASN A 93 3.33 -0.90 7.55
N ILE A 94 2.71 0.22 7.18
CA ILE A 94 1.61 0.76 7.95
C ILE A 94 0.35 0.54 7.13
N LEU A 95 -0.60 -0.20 7.70
CA LEU A 95 -1.93 -0.36 7.15
C LEU A 95 -2.39 0.93 6.53
N LEU A 96 -2.88 0.88 5.30
CA LEU A 96 -3.19 2.12 4.60
C LEU A 96 -4.57 2.71 4.99
N PHE A 97 -4.50 3.92 5.52
CA PHE A 97 -5.65 4.75 5.77
C PHE A 97 -6.18 5.23 4.41
N MET A 98 -7.50 5.14 4.26
CA MET A 98 -8.14 5.47 3.03
C MET A 98 -9.13 6.62 3.16
N GLY A 99 -9.69 6.80 4.35
CA GLY A 99 -10.64 7.87 4.57
C GLY A 99 -11.46 7.71 5.84
N TYR A 100 -12.28 8.70 6.18
CA TYR A 100 -13.15 8.58 7.36
C TYR A 100 -14.57 9.08 7.08
N SER A 101 -15.52 8.60 7.88
CA SER A 101 -16.91 9.02 7.79
C SER A 101 -17.41 9.42 9.18
N THR A 102 -18.17 10.52 9.26
CA THR A 102 -18.85 10.91 10.51
C THR A 102 -20.35 10.66 10.49
N LYS A 103 -20.94 10.59 9.30
CA LYS A 103 -22.37 10.88 9.18
C LYS A 103 -23.38 9.75 9.36
N PRO A 104 -23.08 8.50 8.93
CA PRO A 104 -23.95 7.57 9.67
C PRO A 104 -23.45 7.41 11.12
N GLN A 105 -22.13 7.35 11.25
CA GLN A 105 -21.44 7.00 12.49
C GLN A 105 -19.99 7.40 12.35
N LEU A 106 -19.26 7.57 13.44
CA LEU A 106 -17.81 7.71 13.36
C LEU A 106 -17.21 6.44 12.77
N ALA A 107 -16.44 6.59 11.70
CA ALA A 107 -15.96 5.42 10.97
C ALA A 107 -14.63 5.70 10.32
N ILE A 108 -13.68 4.80 10.55
CA ILE A 108 -12.39 4.89 9.85
C ILE A 108 -12.27 3.77 8.82
N VAL A 109 -11.77 4.11 7.62
CA VAL A 109 -11.63 3.18 6.51
C VAL A 109 -10.16 2.96 6.15
N THR A 110 -9.76 1.70 6.02
CA THR A 110 -8.39 1.37 5.61
C THR A 110 -8.44 0.28 4.54
N GLN A 111 -7.30 0.06 3.87
CA GLN A 111 -7.19 -1.08 2.98
C GLN A 111 -7.68 -2.33 3.72
N TRP A 112 -8.11 -3.33 2.96
CA TRP A 112 -8.49 -4.63 3.53
C TRP A 112 -7.32 -5.58 3.38
N CYS A 113 -6.90 -6.21 4.46
CA CYS A 113 -5.85 -7.24 4.35
C CYS A 113 -6.45 -8.64 4.34
N GLU A 114 -6.14 -9.39 3.30
CA GLU A 114 -6.62 -10.75 3.21
C GLU A 114 -5.54 -11.57 3.89
N GLY A 115 -5.92 -12.46 4.79
CA GLY A 115 -4.90 -13.08 5.62
C GLY A 115 -5.34 -12.85 7.03
N SER A 116 -4.45 -12.88 8.01
CA SER A 116 -4.94 -12.32 9.24
C SER A 116 -3.90 -11.57 10.03
N SER A 117 -4.22 -11.29 11.29
CA SER A 117 -3.23 -10.84 12.23
C SER A 117 -2.15 -11.90 12.39
N LEU A 118 -0.96 -11.42 12.73
CA LEU A 118 0.11 -12.29 13.20
C LEU A 118 -0.34 -13.15 14.41
N TYR A 119 -1.18 -12.57 15.27
CA TYR A 119 -1.77 -13.27 16.39
C TYR A 119 -2.61 -14.50 15.95
N HIS A 120 -3.52 -14.29 15.01
CA HIS A 120 -4.34 -15.36 14.52
C HIS A 120 -3.52 -16.51 13.93
N HIS A 121 -2.51 -16.20 13.13
CA HIS A 121 -1.64 -17.25 12.58
C HIS A 121 -0.95 -18.01 13.68
N LEU A 122 -0.27 -17.29 14.56
CA LEU A 122 0.57 -17.88 15.60
C LEU A 122 -0.26 -18.64 16.65
N HIS A 123 -1.36 -18.10 17.12
CA HIS A 123 -1.96 -18.64 18.33
C HIS A 123 -3.34 -19.24 18.11
N ILE A 124 -3.97 -18.96 16.97
CA ILE A 124 -5.21 -19.64 16.68
C ILE A 124 -5.16 -20.79 15.68
N ILE A 125 -4.54 -20.60 14.52
CA ILE A 125 -4.60 -21.65 13.54
C ILE A 125 -3.23 -22.27 13.40
N GLU A 126 -2.33 -21.85 14.28
CA GLU A 126 -1.01 -22.46 14.38
C GLU A 126 -0.29 -22.65 13.01
N THR A 127 -0.43 -21.68 12.12
CA THR A 127 0.48 -21.59 10.98
C THR A 127 1.91 -21.75 11.43
N LYS A 128 2.66 -22.60 10.73
CA LYS A 128 4.06 -22.80 11.06
C LYS A 128 4.94 -22.18 9.99
N PHE A 129 5.42 -20.97 10.25
CA PHE A 129 6.30 -20.26 9.33
C PHE A 129 7.73 -20.80 9.37
N GLU A 130 8.48 -20.62 8.28
CA GLU A 130 9.91 -20.91 8.31
C GLU A 130 10.71 -19.77 8.92
N MET A 131 11.86 -20.09 9.50
CA MET A 131 12.66 -19.10 10.20
C MET A 131 12.88 -17.88 9.31
N ILE A 132 13.07 -18.14 8.03
CA ILE A 132 13.42 -17.11 7.06
C ILE A 132 12.23 -16.15 7.01
N LYS A 133 11.04 -16.72 7.07
CA LYS A 133 9.80 -15.96 7.00
C LYS A 133 9.52 -15.20 8.31
N LEU A 134 9.78 -15.85 9.43
CA LEU A 134 9.68 -15.22 10.73
C LEU A 134 10.61 -14.00 10.81
N ILE A 135 11.86 -14.18 10.40
CA ILE A 135 12.79 -13.06 10.38
C ILE A 135 12.29 -11.93 9.46
N ASP A 136 11.69 -12.29 8.34
CA ASP A 136 11.14 -11.27 7.45
C ASP A 136 9.98 -10.46 8.09
N ILE A 137 9.08 -11.17 8.76
CA ILE A 137 7.99 -10.52 9.47
C ILE A 137 8.55 -9.57 10.52
N ALA A 138 9.56 -10.03 11.25
CA ALA A 138 10.24 -9.20 12.21
C ALA A 138 10.84 -7.95 11.54
N ARG A 139 11.52 -8.17 10.42
CA ARG A 139 12.17 -7.09 9.69
C ARG A 139 11.16 -6.04 9.18
N GLN A 140 10.06 -6.48 8.59
CA GLN A 140 9.07 -5.49 8.16
C GLN A 140 8.37 -4.76 9.32
N THR A 141 8.14 -5.49 10.43
CA THR A 141 7.54 -4.91 11.63
C THR A 141 8.49 -3.89 12.18
N ALA A 142 9.79 -4.23 12.15
CA ALA A 142 10.82 -3.26 12.47
C ALA A 142 10.73 -2.08 11.52
N GLN A 143 10.70 -2.35 10.22
CA GLN A 143 10.67 -1.29 9.23
C GLN A 143 9.55 -0.26 9.42
N GLY A 144 8.36 -0.75 9.76
CA GLY A 144 7.25 0.13 10.09
C GLY A 144 7.43 0.92 11.38
N MET A 145 7.91 0.25 12.43
CA MET A 145 8.07 0.92 13.72
C MET A 145 9.09 2.04 13.54
N ASP A 146 10.08 1.78 12.70
CA ASP A 146 11.13 2.75 12.48
C ASP A 146 10.57 3.96 11.75
N TYR A 147 9.72 3.73 10.76
CA TYR A 147 8.98 4.81 10.08
C TYR A 147 8.20 5.63 11.08
N LEU A 148 7.38 4.98 11.91
CA LEU A 148 6.51 5.71 12.86
C LEU A 148 7.30 6.61 13.81
N HIS A 149 8.38 6.07 14.36
CA HIS A 149 9.15 6.81 15.36
C HIS A 149 9.87 7.99 14.68
N ALA A 150 10.34 7.76 13.46
CA ALA A 150 10.96 8.83 12.69
C ALA A 150 10.01 9.98 12.53
N LYS A 151 8.69 9.73 12.55
CA LYS A 151 7.68 10.77 12.51
C LYS A 151 7.08 11.03 13.89
N SER A 152 7.75 10.57 14.94
CA SER A 152 7.34 10.85 16.32
C SER A 152 6.00 10.29 16.76
N ILE A 153 5.68 9.11 16.23
CA ILE A 153 4.42 8.48 16.52
C ILE A 153 4.73 7.34 17.43
N ILE A 154 4.10 7.31 18.60
CA ILE A 154 4.25 6.18 19.46
C ILE A 154 2.98 5.37 19.40
N HIS A 155 3.11 4.10 19.02
CA HIS A 155 1.94 3.27 18.79
C HIS A 155 1.23 2.93 20.09
N ARG A 156 1.99 2.60 21.13
CA ARG A 156 1.43 2.33 22.47
C ARG A 156 0.53 1.09 22.59
N ASP A 157 0.41 0.31 21.50
CA ASP A 157 -0.30 -0.96 21.61
C ASP A 157 0.14 -1.99 20.54
N LEU A 158 1.43 -1.95 20.18
CA LEU A 158 2.02 -2.97 19.32
C LEU A 158 1.84 -4.29 20.01
N LYS A 159 1.43 -5.28 19.24
CA LYS A 159 1.14 -6.61 19.74
C LYS A 159 0.68 -7.30 18.47
N SER A 160 0.65 -8.63 18.49
CA SER A 160 0.65 -9.39 17.25
C SER A 160 -0.74 -9.34 16.62
N ASN A 161 -1.73 -8.89 17.42
CA ASN A 161 -3.09 -8.61 16.98
C ASN A 161 -3.18 -7.43 16.05
N ASN A 162 -2.20 -6.55 16.11
CA ASN A 162 -2.26 -5.35 15.30
C ASN A 162 -1.25 -5.40 14.20
N ILE A 163 -0.77 -6.59 13.93
CA ILE A 163 0.15 -6.82 12.84
C ILE A 163 -0.54 -7.76 11.84
N PHE A 164 -0.85 -7.21 10.69
CA PHE A 164 -1.63 -7.93 9.73
C PHE A 164 -0.74 -8.37 8.61
N LEU A 165 -0.91 -9.62 8.24
CA LEU A 165 -0.20 -10.20 7.12
C LEU A 165 -1.01 -10.12 5.86
N HIS A 166 -0.82 -9.06 5.09
CA HIS A 166 -1.57 -8.87 3.87
C HIS A 166 -1.02 -9.74 2.75
N GLU A 167 -1.89 -10.42 2.02
CA GLU A 167 -1.47 -11.39 1.00
C GLU A 167 -0.42 -12.36 1.53
N ASP A 168 -0.38 -12.52 2.86
CA ASP A 168 0.60 -13.40 3.53
C ASP A 168 2.10 -13.08 3.35
N LEU A 169 2.46 -12.10 2.54
CA LEU A 169 3.89 -11.78 2.40
C LEU A 169 4.28 -10.34 2.85
N THR A 170 3.32 -9.58 3.37
CA THR A 170 3.59 -8.19 3.68
C THR A 170 2.94 -7.72 4.97
N VAL A 171 3.75 -7.18 5.85
CA VAL A 171 3.30 -6.77 7.16
C VAL A 171 2.73 -5.35 7.12
N LYS A 172 1.51 -5.19 7.62
CA LYS A 172 0.95 -3.87 7.79
C LYS A 172 0.65 -3.71 9.28
N ILE A 173 1.21 -2.67 9.92
CA ILE A 173 0.91 -2.45 11.32
C ILE A 173 -0.35 -1.62 11.35
N GLY A 174 -1.36 -2.09 12.10
CA GLY A 174 -2.63 -1.39 12.19
C GLY A 174 -3.02 -0.92 13.59
N ASP A 175 -4.16 -0.22 13.65
CA ASP A 175 -4.82 0.27 14.88
C ASP A 175 -4.07 1.36 15.64
N PHE A 176 -4.47 2.60 15.36
CA PHE A 176 -3.80 3.76 15.93
C PHE A 176 -4.68 4.56 16.88
N GLY A 177 -5.75 3.93 17.34
CA GLY A 177 -6.62 4.53 18.31
C GLY A 177 -5.87 5.01 19.54
N LEU A 178 -4.83 4.28 19.96
CA LEU A 178 -4.09 4.66 21.15
C LEU A 178 -2.78 5.42 20.88
N ALA A 179 -2.45 5.66 19.61
CA ALA A 179 -1.16 6.25 19.28
C ALA A 179 -1.05 7.75 19.65
N THR A 180 0.17 8.23 19.84
CA THR A 180 0.40 9.65 20.16
C THR A 180 1.43 10.28 19.24
N VAL A 181 1.39 11.61 19.17
CA VAL A 181 2.52 12.40 18.65
C VAL A 181 3.04 13.41 19.70
N LEU A 194 -12.49 -0.46 31.16
CA LEU A 194 -12.84 -1.82 30.71
C LEU A 194 -11.99 -2.30 29.49
N SER A 195 -10.65 -2.35 29.66
CA SER A 195 -9.69 -2.78 28.59
C SER A 195 -8.16 -2.87 28.99
N GLY A 196 -7.49 -3.94 28.53
CA GLY A 196 -6.06 -4.11 28.79
C GLY A 196 -5.37 -5.26 28.06
N SER A 197 -4.24 -4.95 27.43
CA SER A 197 -3.46 -5.95 26.69
C SER A 197 -2.36 -6.64 27.52
N ILE A 198 -1.30 -5.92 27.87
CA ILE A 198 -0.39 -6.23 29.00
C ILE A 198 0.71 -7.27 28.77
N LEU A 199 0.40 -8.33 28.05
CA LEU A 199 1.42 -9.28 27.65
C LEU A 199 2.54 -8.57 26.85
N TRP A 200 2.24 -7.44 26.23
CA TRP A 200 3.25 -6.72 25.44
C TRP A 200 3.73 -5.43 26.17
N MET A 201 3.12 -5.19 27.33
CA MET A 201 3.32 -4.00 28.13
C MET A 201 4.67 -4.03 28.88
N ALA A 202 5.49 -3.00 28.67
CA ALA A 202 6.75 -2.90 29.41
C ALA A 202 6.47 -2.65 30.91
N PRO A 203 7.38 -3.13 31.77
CA PRO A 203 7.24 -3.00 33.23
C PRO A 203 6.96 -1.56 33.72
N GLU A 204 7.66 -0.58 33.16
CA GLU A 204 7.35 0.84 33.38
C GLU A 204 5.89 1.23 33.07
N VAL A 205 5.34 0.65 32.01
CA VAL A 205 3.97 0.94 31.61
C VAL A 205 3.01 0.23 32.55
N ILE A 206 3.35 -1.00 32.93
CA ILE A 206 2.52 -1.77 33.85
C ILE A 206 2.34 -1.10 35.19
N ARG A 207 3.43 -0.62 35.75
CA ARG A 207 3.33 0.05 37.03
C ARG A 207 3.24 1.57 36.81
N MET A 208 2.07 2.06 36.39
CA MET A 208 1.95 3.45 35.93
C MET A 208 2.71 4.44 36.83
N GLN A 209 4.03 4.53 36.60
CA GLN A 209 4.96 5.14 37.54
C GLN A 209 4.95 6.66 37.44
N ASP A 210 4.44 7.20 36.32
CA ASP A 210 3.99 8.59 36.26
C ASP A 210 2.91 8.81 35.21
N LYS A 211 2.77 10.05 34.77
CA LYS A 211 1.88 10.38 33.65
C LYS A 211 2.34 9.61 32.40
N ASN A 212 3.66 9.56 32.19
CA ASN A 212 4.18 9.02 30.93
C ASN A 212 5.25 7.92 30.93
N PRO A 213 4.80 6.69 31.16
CA PRO A 213 5.51 5.42 30.93
C PRO A 213 5.82 5.11 29.45
N TYR A 214 4.97 5.66 28.57
CA TYR A 214 5.11 5.46 27.13
C TYR A 214 6.28 6.19 26.47
N SER A 215 6.91 5.56 25.48
CA SER A 215 8.10 6.11 24.86
C SER A 215 8.46 5.19 23.71
N PHE A 216 9.36 5.61 22.82
CA PHE A 216 9.83 4.72 21.78
C PHE A 216 10.27 3.42 22.44
N GLN A 217 10.85 3.58 23.62
CA GLN A 217 11.34 2.46 24.40
C GLN A 217 10.27 1.45 24.77
N SER A 218 9.07 1.91 25.15
CA SER A 218 8.00 0.98 25.52
C SER A 218 7.49 0.32 24.26
N ASP A 219 7.47 1.06 23.13
CA ASP A 219 7.16 0.42 21.85
C ASP A 219 8.17 -0.68 21.55
N VAL A 220 9.46 -0.39 21.75
CA VAL A 220 10.49 -1.36 21.52
C VAL A 220 10.31 -2.63 22.36
N TYR A 221 9.82 -2.43 23.58
CA TYR A 221 9.54 -3.60 24.41
C TYR A 221 8.43 -4.50 23.83
N ALA A 222 7.32 -3.88 23.45
CA ALA A 222 6.21 -4.62 22.86
C ALA A 222 6.73 -5.44 21.65
N PHE A 223 7.51 -4.81 20.77
CA PHE A 223 8.19 -5.48 19.69
C PHE A 223 9.02 -6.65 20.19
N GLY A 224 9.72 -6.47 21.31
CA GLY A 224 10.45 -7.57 21.93
C GLY A 224 9.59 -8.80 22.18
N ILE A 225 8.36 -8.59 22.66
CA ILE A 225 7.43 -9.66 22.91
C ILE A 225 6.90 -10.25 21.62
N VAL A 226 6.80 -9.46 20.55
CA VAL A 226 6.38 -10.11 19.30
C VAL A 226 7.56 -10.85 18.66
N LEU A 227 8.81 -10.42 18.90
CA LEU A 227 9.94 -11.29 18.52
C LEU A 227 9.87 -12.60 19.27
N TYR A 228 9.46 -12.52 20.53
CA TYR A 228 9.31 -13.71 21.35
C TYR A 228 8.21 -14.57 20.74
N GLU A 229 7.10 -13.98 20.31
CA GLU A 229 6.05 -14.79 19.70
C GLU A 229 6.51 -15.48 18.39
N LEU A 230 7.26 -14.76 17.57
CA LEU A 230 7.75 -15.29 16.31
C LEU A 230 8.70 -16.46 16.56
N MET A 231 9.60 -16.31 17.52
CA MET A 231 10.67 -17.27 17.67
C MET A 231 10.27 -18.50 18.49
N THR A 232 9.21 -18.40 19.29
CA THR A 232 8.86 -19.48 20.20
C THR A 232 7.53 -20.01 19.77
N GLY A 233 6.85 -19.24 18.92
CA GLY A 233 5.54 -19.62 18.40
C GLY A 233 4.52 -19.64 19.53
N GLN A 234 4.85 -18.92 20.60
CA GLN A 234 4.10 -19.01 21.83
C GLN A 234 3.85 -17.67 22.50
N LEU A 235 2.73 -17.51 23.22
CA LEU A 235 2.59 -16.35 24.10
C LEU A 235 3.43 -16.50 25.39
N PRO A 236 3.96 -15.38 25.90
CA PRO A 236 4.83 -15.46 27.07
C PRO A 236 4.03 -15.88 28.30
N TYR A 237 4.71 -16.52 29.24
CA TYR A 237 4.20 -16.76 30.59
C TYR A 237 3.13 -17.82 30.55
N SER A 238 3.29 -18.74 29.61
CA SER A 238 2.20 -19.66 29.29
C SER A 238 1.95 -20.66 30.41
N ASN A 239 2.85 -20.70 31.37
CA ASN A 239 2.80 -21.72 32.43
C ASN A 239 2.35 -21.09 33.76
N ILE A 240 1.82 -19.87 33.67
CA ILE A 240 1.27 -19.16 34.81
C ILE A 240 -0.17 -18.94 34.41
N ASN A 241 -1.12 -19.47 35.15
CA ASN A 241 -2.52 -19.34 34.73
C ASN A 241 -3.22 -18.15 35.38
N ASN A 242 -2.48 -17.26 36.04
CA ASN A 242 -3.13 -16.16 36.73
C ASN A 242 -2.73 -14.79 36.23
N ARG A 243 -3.68 -14.03 35.68
CA ARG A 243 -3.34 -12.81 34.93
C ARG A 243 -2.70 -11.82 35.87
N ASP A 244 -3.35 -11.66 37.02
CA ASP A 244 -2.90 -10.81 38.11
C ASP A 244 -1.46 -11.15 38.50
N GLN A 245 -1.20 -12.41 38.76
CA GLN A 245 0.16 -12.81 39.04
C GLN A 245 1.17 -12.35 37.95
N ILE A 246 0.75 -12.41 36.69
CA ILE A 246 1.66 -11.96 35.64
C ILE A 246 1.85 -10.44 35.72
N ILE A 247 0.75 -9.69 35.88
CA ILE A 247 0.81 -8.21 35.88
C ILE A 247 1.80 -7.82 36.99
N PHE A 248 1.60 -8.37 38.17
CA PHE A 248 2.39 -8.00 39.33
C PHE A 248 3.88 -8.25 39.08
N MET A 249 4.19 -9.49 38.76
CA MET A 249 5.57 -9.91 38.76
C MET A 249 6.37 -9.29 37.65
N VAL A 250 5.74 -8.89 36.55
CA VAL A 250 6.46 -8.23 35.48
C VAL A 250 6.68 -6.81 35.96
N GLY A 251 5.66 -6.27 36.61
CA GLY A 251 5.79 -4.99 37.27
C GLY A 251 6.99 -4.88 38.18
N ARG A 252 7.25 -5.89 39.00
CA ARG A 252 8.27 -5.76 40.02
C ARG A 252 9.57 -6.31 39.50
N GLY A 253 9.50 -6.91 38.33
CA GLY A 253 10.69 -7.44 37.69
C GLY A 253 11.04 -8.88 38.05
N TYR A 254 10.15 -9.55 38.76
CA TYR A 254 10.33 -10.93 39.16
C TYR A 254 10.15 -11.87 37.99
N LEU A 255 9.24 -11.51 37.09
CA LEU A 255 8.91 -12.32 35.90
C LEU A 255 9.53 -11.71 34.67
N SER A 256 9.94 -12.56 33.74
CA SER A 256 10.33 -12.07 32.43
C SER A 256 10.38 -13.24 31.48
N PRO A 257 10.26 -12.96 30.18
CA PRO A 257 9.97 -14.05 29.25
C PRO A 257 11.10 -15.07 29.21
N ASP A 258 10.74 -16.34 29.24
CA ASP A 258 11.73 -17.42 29.24
C ASP A 258 12.36 -17.59 27.87
N LEU A 259 13.52 -16.96 27.65
CA LEU A 259 14.17 -16.98 26.33
C LEU A 259 14.79 -18.34 25.95
N SER A 260 14.85 -19.29 26.89
CA SER A 260 15.12 -20.69 26.55
C SER A 260 14.25 -21.20 25.43
N LYS A 261 13.01 -20.72 25.36
CA LYS A 261 11.99 -21.37 24.56
C LYS A 261 12.14 -21.08 23.07
N VAL A 262 13.12 -20.24 22.72
CA VAL A 262 13.29 -19.83 21.32
C VAL A 262 13.72 -21.02 20.49
N ARG A 263 12.96 -21.31 19.43
CA ARG A 263 13.20 -22.53 18.69
C ARG A 263 14.67 -22.57 18.22
N SER A 264 15.17 -23.78 17.94
CA SER A 264 16.61 -24.08 17.99
C SER A 264 17.46 -23.43 16.88
N ASN A 265 16.82 -23.12 15.78
CA ASN A 265 17.48 -22.45 14.67
C ASN A 265 17.19 -20.96 14.66
N CYS A 266 16.69 -20.42 15.77
CA CYS A 266 16.73 -18.98 15.94
C CYS A 266 18.21 -18.63 16.01
N PRO A 267 18.66 -17.73 15.13
CA PRO A 267 20.07 -17.32 15.19
C PRO A 267 20.41 -16.69 16.55
N LYS A 268 21.68 -16.75 16.94
CA LYS A 268 22.10 -16.19 18.22
C LYS A 268 21.83 -14.68 18.26
N ALA A 269 22.11 -14.02 17.14
CA ALA A 269 21.97 -12.57 17.10
C ALA A 269 20.52 -12.16 17.42
N MET A 270 19.57 -13.02 17.03
CA MET A 270 18.16 -12.72 17.16
C MET A 270 17.74 -12.91 18.62
N LYS A 271 18.28 -13.95 19.24
CA LYS A 271 17.98 -14.21 20.64
C LYS A 271 18.57 -13.03 21.43
N ARG A 272 19.67 -12.51 20.92
CA ARG A 272 20.41 -11.47 21.61
C ARG A 272 19.73 -10.10 21.45
N LEU A 273 19.05 -9.92 20.32
CA LEU A 273 18.33 -8.68 20.03
C LEU A 273 17.04 -8.67 20.82
N MET A 274 16.47 -9.84 20.96
CA MET A 274 15.23 -10.00 21.70
C MET A 274 15.50 -9.57 23.16
N ALA A 275 16.59 -10.09 23.72
CA ALA A 275 16.94 -9.75 25.09
C ALA A 275 17.29 -8.26 25.30
N GLU A 276 17.86 -7.60 24.30
CA GLU A 276 18.06 -6.16 24.37
C GLU A 276 16.74 -5.40 24.41
N CYS A 277 15.79 -5.87 23.60
CA CYS A 277 14.51 -5.17 23.41
C CYS A 277 13.69 -5.33 24.67
N LEU A 278 13.95 -6.43 25.37
CA LEU A 278 13.18 -6.81 26.53
C LEU A 278 13.77 -6.35 27.87
N LYS A 279 14.89 -5.62 27.82
CA LYS A 279 15.52 -5.08 29.02
C LYS A 279 14.54 -4.40 29.95
N LYS A 280 14.57 -4.76 31.24
CA LYS A 280 13.63 -4.20 32.23
C LYS A 280 13.77 -2.69 32.39
N LYS A 281 15.01 -2.21 32.33
CA LYS A 281 15.24 -0.78 32.32
C LYS A 281 15.14 -0.27 30.90
N ARG A 282 14.26 0.71 30.66
CA ARG A 282 14.00 1.14 29.31
C ARG A 282 15.19 1.85 28.63
N ASP A 283 16.04 2.52 29.41
CA ASP A 283 17.20 3.18 28.82
C ASP A 283 18.22 2.20 28.27
N GLU A 284 18.06 0.92 28.55
CA GLU A 284 19.00 -0.04 27.99
C GLU A 284 18.48 -0.72 26.72
N ARG A 285 17.34 -0.25 26.25
CA ARG A 285 16.78 -0.78 25.02
C ARG A 285 17.25 -0.01 23.82
N PRO A 286 17.47 -0.72 22.72
CA PRO A 286 17.92 -0.10 21.48
C PRO A 286 16.71 0.61 20.85
N LEU A 287 16.96 1.65 20.07
CA LEU A 287 15.91 2.24 19.27
C LEU A 287 15.80 1.50 17.92
N PHE A 288 14.80 1.87 17.12
CA PHE A 288 14.45 1.04 15.97
C PHE A 288 15.45 1.07 14.81
N PRO A 289 16.09 2.22 14.58
CA PRO A 289 17.21 2.17 13.62
C PRO A 289 18.16 1.01 13.92
N GLN A 290 18.63 0.97 15.16
CA GLN A 290 19.55 -0.09 15.56
C GLN A 290 18.86 -1.43 15.36
N ILE A 291 17.67 -1.57 15.95
CA ILE A 291 16.94 -2.82 15.82
C ILE A 291 16.87 -3.25 14.35
N LEU A 292 16.54 -2.31 13.49
CA LEU A 292 16.40 -2.60 12.06
C LEU A 292 17.68 -3.15 11.45
N ALA A 293 18.77 -2.40 11.61
CA ALA A 293 20.08 -2.83 11.13
C ALA A 293 20.41 -4.23 11.62
N SER A 294 20.18 -4.48 12.91
CA SER A 294 20.47 -5.78 13.50
C SER A 294 19.70 -6.89 12.82
N ILE A 295 18.46 -6.63 12.40
CA ILE A 295 17.69 -7.68 11.80
C ILE A 295 18.08 -7.88 10.35
N GLU A 296 18.40 -6.79 9.65
CA GLU A 296 18.80 -6.87 8.23
C GLU A 296 20.15 -7.55 8.11
N LEU A 297 20.98 -7.41 9.12
CA LEU A 297 22.27 -8.03 9.07
C LEU A 297 22.10 -9.53 9.31
N LEU A 298 21.30 -9.91 10.31
CA LEU A 298 21.23 -11.33 10.64
C LEU A 298 20.45 -12.09 9.58
N ALA A 299 19.76 -11.35 8.73
CA ALA A 299 19.04 -11.92 7.60
C ALA A 299 19.99 -12.18 6.44
N ARG A 300 20.94 -11.26 6.21
CA ARG A 300 21.94 -11.43 5.15
C ARG A 300 22.82 -12.64 5.43
N SER A 301 23.05 -12.93 6.71
CA SER A 301 23.85 -14.09 7.10
C SER A 301 23.05 -15.37 7.13
N LEU A 302 21.72 -15.24 7.01
CA LEU A 302 20.82 -16.33 7.34
C LEU A 302 20.53 -17.41 6.27
N PRO A 303 20.29 -17.02 4.99
CA PRO A 303 19.94 -18.06 4.00
C PRO A 303 21.00 -19.16 3.91
N LYS A 304 22.11 -18.93 4.64
CA LYS A 304 23.08 -19.96 4.99
C LYS A 304 22.95 -20.24 6.50
N ASP B 29 3.17 16.64 9.68
CA ASP B 29 2.24 15.99 8.68
C ASP B 29 2.81 16.08 7.24
N ASP B 30 3.28 17.26 6.84
CA ASP B 30 3.78 17.47 5.49
C ASP B 30 4.62 16.28 4.97
N TRP B 31 4.84 16.24 3.66
CA TRP B 31 5.49 15.09 3.05
C TRP B 31 6.85 15.43 2.51
N GLU B 32 7.41 16.54 2.96
CA GLU B 32 8.76 16.86 2.59
C GLU B 32 9.78 15.98 3.35
N ILE B 33 10.84 15.59 2.68
CA ILE B 33 11.84 14.77 3.34
C ILE B 33 13.14 15.57 3.44
N PRO B 34 13.72 15.65 4.65
CA PRO B 34 14.90 16.49 4.94
C PRO B 34 16.12 16.00 4.16
N ASP B 35 16.92 16.92 3.59
CA ASP B 35 17.99 16.52 2.67
C ASP B 35 18.86 15.50 3.41
N GLY B 36 19.42 14.53 2.69
CA GLY B 36 20.38 13.65 3.30
C GLY B 36 19.79 12.28 3.56
N GLN B 37 18.46 12.24 3.63
CA GLN B 37 17.77 11.04 4.10
C GLN B 37 17.54 10.01 3.02
N ILE B 38 17.15 10.43 1.81
CA ILE B 38 16.99 9.46 0.75
C ILE B 38 18.32 9.10 0.11
N THR B 39 18.50 7.82 -0.15
CA THR B 39 19.76 7.30 -0.67
C THR B 39 19.43 6.81 -2.08
N VAL B 40 20.08 7.39 -3.08
CA VAL B 40 19.69 7.10 -4.45
C VAL B 40 20.61 6.05 -5.00
N GLY B 41 20.09 4.99 -5.60
CA GLY B 41 20.94 3.91 -6.08
C GLY B 41 20.90 3.74 -7.59
N GLN B 42 20.70 2.50 -8.05
CA GLN B 42 20.43 2.17 -9.47
C GLN B 42 19.56 3.20 -10.20
N ARG B 43 20.05 3.70 -11.32
CA ARG B 43 19.17 4.28 -12.33
C ARG B 43 18.47 3.13 -13.05
N ILE B 44 17.14 3.16 -13.10
CA ILE B 44 16.43 2.04 -13.69
C ILE B 44 15.58 2.44 -14.92
N GLY B 45 15.48 3.75 -15.17
CA GLY B 45 14.85 4.21 -16.40
C GLY B 45 14.20 5.58 -16.39
N SER B 46 13.16 5.73 -17.21
CA SER B 46 12.46 7.01 -17.35
C SER B 46 11.06 7.07 -16.76
N GLY B 47 10.57 8.30 -16.64
CA GLY B 47 9.23 8.57 -16.19
C GLY B 47 8.92 9.98 -16.66
N SER B 48 7.68 10.41 -16.57
CA SER B 48 7.39 11.71 -17.10
C SER B 48 8.36 12.72 -16.46
N PHE B 49 8.92 13.59 -17.30
CA PHE B 49 9.75 14.70 -16.85
C PHE B 49 10.95 14.30 -16.04
N GLY B 50 11.50 13.10 -16.19
CA GLY B 50 12.62 12.77 -15.34
C GLY B 50 13.09 11.34 -15.32
N THR B 51 13.97 11.03 -14.36
CA THR B 51 14.72 9.77 -14.36
C THR B 51 14.35 8.96 -13.13
N VAL B 52 14.18 7.66 -13.29
CA VAL B 52 13.81 6.86 -12.14
C VAL B 52 14.97 6.06 -11.54
N TYR B 53 15.11 6.17 -10.22
CA TYR B 53 16.06 5.34 -9.50
C TYR B 53 15.35 4.41 -8.52
N LYS B 54 15.97 3.26 -8.25
CA LYS B 54 15.67 2.54 -7.02
C LYS B 54 16.44 3.23 -5.91
N GLY B 55 15.85 3.28 -4.71
CA GLY B 55 16.43 4.05 -3.61
C GLY B 55 16.09 3.48 -2.24
N LYS B 56 16.61 4.11 -1.19
CA LYS B 56 16.36 3.67 0.17
C LYS B 56 15.88 4.87 0.96
N TRP B 57 14.67 4.75 1.50
CA TRP B 57 14.18 5.67 2.52
C TRP B 57 13.12 4.93 3.29
N HIS B 58 13.45 4.52 4.52
CA HIS B 58 12.59 3.69 5.36
C HIS B 58 12.21 2.42 4.61
N GLY B 59 13.23 1.83 4.01
CA GLY B 59 13.06 0.69 3.13
C GLY B 59 13.32 1.07 1.68
N ASP B 60 13.16 0.08 0.80
CA ASP B 60 13.17 0.30 -0.64
C ASP B 60 12.11 1.28 -1.10
N VAL B 61 12.52 2.26 -1.89
CA VAL B 61 11.60 3.19 -2.59
C VAL B 61 11.95 3.31 -4.07
N ALA B 62 11.01 3.73 -4.89
CA ALA B 62 11.37 4.29 -6.20
C ALA B 62 11.45 5.79 -6.03
N VAL B 63 12.45 6.40 -6.66
CA VAL B 63 12.58 7.86 -6.68
C VAL B 63 12.62 8.34 -8.12
N LYS B 64 11.77 9.33 -8.44
CA LYS B 64 11.87 10.04 -9.72
C LYS B 64 12.45 11.43 -9.53
N MET B 65 13.51 11.70 -10.26
CA MET B 65 14.14 12.99 -10.19
C MET B 65 13.92 13.81 -11.46
N LEU B 66 13.55 15.07 -11.27
CA LEU B 66 12.96 15.92 -12.32
C LEU B 66 13.94 17.03 -12.81
N ASN B 67 15.24 16.76 -12.79
CA ASN B 67 16.22 17.76 -12.37
C ASN B 67 17.61 17.53 -12.97
N VAL B 68 18.36 18.62 -13.05
CA VAL B 68 19.76 18.67 -12.64
C VAL B 68 20.04 20.15 -12.70
N THR B 69 21.24 20.54 -12.29
CA THR B 69 21.75 21.86 -12.64
C THR B 69 20.91 23.05 -12.10
N ALA B 70 19.59 22.85 -11.99
CA ALA B 70 18.63 23.82 -11.49
C ALA B 70 17.38 23.69 -12.32
N PRO B 71 16.22 23.65 -11.66
CA PRO B 71 14.98 23.47 -12.42
C PRO B 71 14.54 24.68 -13.28
N THR B 72 14.14 24.37 -14.50
CA THR B 72 13.21 25.17 -15.32
C THR B 72 11.99 25.55 -14.53
N PRO B 73 11.30 26.63 -14.92
CA PRO B 73 9.96 26.85 -14.37
C PRO B 73 9.01 25.77 -14.91
N GLN B 74 9.40 25.17 -16.02
CA GLN B 74 8.69 24.01 -16.55
C GLN B 74 8.65 22.88 -15.53
N GLN B 75 9.84 22.40 -15.17
CA GLN B 75 9.99 21.23 -14.32
C GLN B 75 9.46 21.50 -12.93
N LEU B 76 9.76 22.68 -12.40
CA LEU B 76 9.16 23.15 -11.16
C LEU B 76 7.65 22.92 -11.18
N GLN B 77 7.02 23.29 -12.31
CA GLN B 77 5.57 23.25 -12.42
C GLN B 77 5.12 21.79 -12.43
N ALA B 78 5.85 20.96 -13.18
CA ALA B 78 5.47 19.56 -13.34
C ALA B 78 5.50 18.87 -12.00
N PHE B 79 6.57 19.13 -11.25
CA PHE B 79 6.83 18.52 -9.95
C PHE B 79 5.74 18.94 -8.95
N LYS B 80 5.44 20.23 -8.93
CA LYS B 80 4.43 20.72 -8.02
C LYS B 80 3.08 20.13 -8.36
N ASN B 81 2.76 19.99 -9.64
CA ASN B 81 1.47 19.39 -10.05
C ASN B 81 1.36 17.92 -9.61
N GLU B 82 2.44 17.19 -9.82
CA GLU B 82 2.38 15.78 -9.58
C GLU B 82 2.33 15.47 -8.09
N VAL B 83 3.16 16.15 -7.30
CA VAL B 83 3.10 15.94 -5.86
C VAL B 83 1.70 16.33 -5.39
N GLY B 84 1.11 17.32 -6.06
CA GLY B 84 -0.22 17.74 -5.68
C GLY B 84 -1.28 16.68 -5.86
N VAL B 85 -1.15 15.94 -6.97
CA VAL B 85 -2.12 14.91 -7.34
C VAL B 85 -1.88 13.68 -6.47
N LEU B 86 -0.62 13.29 -6.33
CA LEU B 86 -0.27 12.11 -5.55
C LEU B 86 -0.83 12.16 -4.10
N ARG B 87 -0.73 13.32 -3.47
CA ARG B 87 -1.12 13.41 -2.08
C ARG B 87 -2.65 13.47 -1.96
N LYS B 88 -3.35 13.27 -3.07
CA LYS B 88 -4.80 13.11 -3.02
C LYS B 88 -5.17 11.62 -3.17
N THR B 89 -4.15 10.76 -3.33
CA THR B 89 -4.37 9.32 -3.57
C THR B 89 -3.98 8.48 -2.37
N ARG B 90 -4.88 7.61 -1.92
CA ARG B 90 -4.58 6.56 -0.94
C ARG B 90 -5.41 5.33 -1.29
N HIS B 91 -4.81 4.36 -1.96
CA HIS B 91 -5.60 3.23 -2.47
C HIS B 91 -4.69 2.17 -3.02
N VAL B 92 -4.90 0.90 -2.63
CA VAL B 92 -3.97 -0.16 -3.03
C VAL B 92 -3.59 -0.22 -4.50
N ASN B 93 -4.39 0.38 -5.38
CA ASN B 93 -4.12 0.23 -6.81
C ASN B 93 -3.46 1.46 -7.44
N ILE B 94 -3.29 2.48 -6.62
CA ILE B 94 -2.43 3.60 -6.97
C ILE B 94 -1.09 3.45 -6.23
N LEU B 95 0.00 3.45 -7.00
CA LEU B 95 1.35 3.45 -6.46
C LEU B 95 1.44 4.44 -5.24
N LEU B 96 2.02 3.97 -4.13
CA LEU B 96 1.97 4.78 -2.92
C LEU B 96 3.04 5.89 -2.86
N PHE B 97 2.53 7.11 -2.83
CA PHE B 97 3.35 8.28 -2.65
C PHE B 97 3.79 8.33 -1.20
N MET B 98 5.08 8.58 -1.01
CA MET B 98 5.66 8.50 0.30
C MET B 98 6.21 9.85 0.72
N GLY B 99 6.56 10.69 -0.25
CA GLY B 99 7.14 11.98 0.06
C GLY B 99 7.89 12.65 -1.09
N TYR B 100 8.30 13.89 -0.87
CA TYR B 100 9.11 14.57 -1.88
C TYR B 100 10.35 15.32 -1.30
N SER B 101 11.33 15.53 -2.16
CA SER B 101 12.53 16.28 -1.82
C SER B 101 12.81 17.38 -2.84
N THR B 102 13.16 18.58 -2.38
CA THR B 102 13.58 19.66 -3.28
C THR B 102 15.08 19.87 -3.25
N LYS B 103 15.76 19.47 -2.17
CA LYS B 103 16.99 20.15 -1.81
C LYS B 103 18.29 19.58 -2.34
N PRO B 104 18.43 18.27 -2.54
CA PRO B 104 19.50 18.14 -3.53
C PRO B 104 18.96 18.49 -4.94
N GLN B 105 17.74 18.02 -5.23
CA GLN B 105 17.13 18.07 -6.57
C GLN B 105 15.62 17.88 -6.37
N LEU B 106 14.82 18.20 -7.39
CA LEU B 106 13.38 17.87 -7.34
C LEU B 106 13.24 16.35 -7.37
N ALA B 107 12.56 15.80 -6.36
CA ALA B 107 12.53 14.33 -6.21
C ALA B 107 11.19 13.85 -5.66
N ILE B 108 10.59 12.85 -6.33
CA ILE B 108 9.38 12.24 -5.82
C ILE B 108 9.66 10.81 -5.42
N VAL B 109 9.22 10.46 -4.20
CA VAL B 109 9.46 9.12 -3.62
C VAL B 109 8.15 8.33 -3.49
N THR B 110 8.17 7.07 -3.92
CA THR B 110 7.02 6.16 -3.80
C THR B 110 7.48 4.83 -3.27
N GLN B 111 6.53 3.99 -2.87
CA GLN B 111 6.86 2.59 -2.59
C GLN B 111 7.63 1.99 -3.75
N TRP B 112 8.42 0.96 -3.46
CA TRP B 112 9.15 0.24 -4.50
C TRP B 112 8.37 -0.98 -4.87
N CYS B 113 8.06 -1.15 -6.15
CA CYS B 113 7.41 -2.40 -6.58
C CYS B 113 8.44 -3.37 -7.14
N GLU B 114 8.48 -4.56 -6.57
CA GLU B 114 9.37 -5.61 -7.06
C GLU B 114 8.53 -6.35 -8.08
N GLY B 115 9.10 -6.65 -9.24
CA GLY B 115 8.25 -7.10 -10.34
C GLY B 115 8.50 -6.12 -11.46
N SER B 116 7.62 -6.01 -12.43
CA SER B 116 7.81 -4.81 -13.23
C SER B 116 6.53 -4.22 -13.74
N SER B 117 6.65 -3.29 -14.68
CA SER B 117 5.49 -2.82 -15.42
C SER B 117 4.79 -4.00 -16.11
N LEU B 118 3.50 -3.83 -16.35
CA LEU B 118 2.75 -4.75 -17.18
C LEU B 118 3.39 -4.82 -18.57
N TYR B 119 3.90 -3.66 -19.02
CA TYR B 119 4.60 -3.57 -20.29
C TYR B 119 5.78 -4.56 -20.35
N HIS B 120 6.65 -4.47 -19.35
CA HIS B 120 7.82 -5.34 -19.31
C HIS B 120 7.47 -6.83 -19.42
N HIS B 121 6.45 -7.24 -18.66
CA HIS B 121 6.01 -8.63 -18.66
C HIS B 121 5.48 -9.06 -20.02
N LEU B 122 4.54 -8.27 -20.54
CA LEU B 122 3.86 -8.54 -21.81
C LEU B 122 4.79 -8.47 -23.04
N HIS B 123 5.67 -7.47 -23.10
CA HIS B 123 6.37 -7.18 -24.36
C HIS B 123 7.89 -7.26 -24.28
N ILE B 124 8.43 -7.45 -23.09
CA ILE B 124 9.86 -7.72 -23.04
C ILE B 124 10.27 -9.14 -22.68
N ILE B 125 9.71 -9.69 -21.62
CA ILE B 125 10.14 -11.03 -21.21
C ILE B 125 9.03 -12.01 -21.47
N GLU B 126 8.00 -11.52 -22.17
CA GLU B 126 6.89 -12.37 -22.63
C GLU B 126 6.32 -13.31 -21.57
N THR B 127 6.22 -12.84 -20.32
CA THR B 127 5.49 -13.60 -19.30
C THR B 127 4.15 -14.05 -19.88
N LYS B 128 3.77 -15.30 -19.64
CA LYS B 128 2.48 -15.78 -20.12
C LYS B 128 1.57 -15.99 -18.95
N PHE B 129 0.69 -15.01 -18.70
CA PHE B 129 -0.31 -15.10 -17.63
C PHE B 129 -1.48 -15.98 -18.05
N GLU B 130 -2.16 -16.57 -17.08
CA GLU B 130 -3.44 -17.20 -17.33
C GLU B 130 -4.61 -16.23 -17.42
N MET B 131 -5.63 -16.63 -18.18
CA MET B 131 -6.76 -15.75 -18.45
C MET B 131 -7.31 -15.16 -17.15
N ILE B 132 -7.35 -15.99 -16.12
CA ILE B 132 -7.92 -15.63 -14.84
C ILE B 132 -7.08 -14.47 -14.30
N LYS B 133 -5.77 -14.60 -14.46
CA LYS B 133 -4.86 -13.56 -14.00
C LYS B 133 -4.92 -12.26 -14.83
N LEU B 134 -5.04 -12.39 -16.15
CA LEU B 134 -5.24 -11.23 -17.02
C LEU B 134 -6.50 -10.45 -16.62
N ILE B 135 -7.56 -11.17 -16.35
CA ILE B 135 -8.80 -10.52 -16.00
C ILE B 135 -8.62 -9.79 -14.65
N ASP B 136 -7.88 -10.42 -13.75
CA ASP B 136 -7.64 -9.80 -12.45
C ASP B 136 -6.84 -8.48 -12.60
N ILE B 137 -5.83 -8.49 -13.46
CA ILE B 137 -5.01 -7.32 -13.68
C ILE B 137 -5.91 -6.24 -14.27
N ALA B 138 -6.71 -6.63 -15.25
CA ALA B 138 -7.75 -5.74 -15.78
C ALA B 138 -8.68 -5.16 -14.70
N ARG B 139 -9.15 -5.99 -13.79
CA ARG B 139 -10.05 -5.61 -12.70
C ARG B 139 -9.44 -4.61 -11.69
N GLN B 140 -8.21 -4.84 -11.29
CA GLN B 140 -7.54 -3.91 -10.39
C GLN B 140 -7.17 -2.60 -11.08
N THR B 141 -6.77 -2.69 -12.36
CA THR B 141 -6.50 -1.50 -13.16
C THR B 141 -7.75 -0.70 -13.26
N ALA B 142 -8.86 -1.40 -13.46
CA ALA B 142 -10.15 -0.77 -13.46
C ALA B 142 -10.43 -0.14 -12.09
N GLN B 143 -10.13 -0.90 -11.03
CA GLN B 143 -10.41 -0.47 -9.68
C GLN B 143 -9.69 0.81 -9.33
N GLY B 144 -8.41 0.89 -9.73
CA GLY B 144 -7.65 2.12 -9.59
C GLY B 144 -8.18 3.30 -10.40
N MET B 145 -8.53 3.06 -11.66
CA MET B 145 -8.98 4.14 -12.53
C MET B 145 -10.25 4.75 -11.98
N ASP B 146 -11.08 3.86 -11.43
CA ASP B 146 -12.37 4.24 -10.90
C ASP B 146 -12.18 5.09 -9.66
N TYR B 147 -11.19 4.75 -8.83
CA TYR B 147 -10.78 5.59 -7.70
C TYR B 147 -10.34 7.00 -8.15
N LEU B 148 -9.43 7.08 -9.12
CA LEU B 148 -8.96 8.38 -9.60
C LEU B 148 -10.14 9.25 -10.06
N HIS B 149 -11.02 8.69 -10.89
CA HIS B 149 -12.01 9.51 -11.57
C HIS B 149 -13.06 9.96 -10.56
N ALA B 150 -13.25 9.14 -9.51
CA ALA B 150 -14.19 9.49 -8.43
C ALA B 150 -13.66 10.72 -7.70
N LYS B 151 -12.32 10.90 -7.74
CA LYS B 151 -11.67 12.08 -7.20
C LYS B 151 -11.33 13.09 -8.28
N SER B 152 -11.91 12.94 -9.46
CA SER B 152 -11.67 13.88 -10.56
C SER B 152 -10.24 14.01 -11.04
N ILE B 153 -9.51 12.90 -11.01
CA ILE B 153 -8.17 12.88 -11.54
C ILE B 153 -8.20 12.20 -12.91
N ILE B 154 -7.65 12.89 -13.91
CA ILE B 154 -7.46 12.27 -15.19
C ILE B 154 -5.98 11.96 -15.33
N HIS B 155 -5.68 10.69 -15.55
CA HIS B 155 -4.30 10.26 -15.60
C HIS B 155 -3.59 10.78 -16.84
N ARG B 156 -4.28 10.76 -17.97
CA ARG B 156 -3.75 11.27 -19.24
C ARG B 156 -2.57 10.55 -19.81
N ASP B 157 -2.10 9.49 -19.16
CA ASP B 157 -1.05 8.68 -19.76
C ASP B 157 -1.05 7.19 -19.31
N LEU B 158 -2.25 6.66 -19.07
CA LEU B 158 -2.42 5.25 -18.77
C LEU B 158 -1.87 4.46 -19.96
N LYS B 159 -1.12 3.41 -19.65
CA LYS B 159 -0.45 2.59 -20.65
C LYS B 159 0.33 1.62 -19.79
N SER B 160 0.71 0.49 -20.37
CA SER B 160 1.06 -0.66 -19.58
C SER B 160 2.41 -0.43 -18.94
N ASN B 161 3.08 0.62 -19.38
CA ASN B 161 4.33 1.04 -18.76
C ASN B 161 4.10 1.64 -17.37
N ASN B 162 2.92 2.13 -17.15
CA ASN B 162 2.62 2.79 -15.90
C ASN B 162 1.77 1.91 -15.02
N ILE B 163 1.77 0.62 -15.33
CA ILE B 163 1.01 -0.34 -14.56
C ILE B 163 1.95 -1.35 -13.96
N PHE B 164 2.12 -1.27 -12.65
CA PHE B 164 3.21 -2.00 -12.00
C PHE B 164 2.62 -3.16 -11.22
N LEU B 165 3.27 -4.30 -11.42
CA LEU B 165 2.87 -5.52 -10.79
C LEU B 165 3.70 -5.74 -9.55
N HIS B 166 3.21 -5.24 -8.43
CA HIS B 166 3.92 -5.36 -7.18
C HIS B 166 3.72 -6.76 -6.58
N GLU B 167 4.83 -7.38 -6.18
CA GLU B 167 4.79 -8.76 -5.69
C GLU B 167 4.06 -9.67 -6.67
N ASP B 168 4.00 -9.25 -7.94
CA ASP B 168 3.31 -9.99 -9.01
C ASP B 168 1.81 -10.25 -8.86
N LEU B 169 1.22 -9.89 -7.72
CA LEU B 169 -0.22 -10.13 -7.55
C LEU B 169 -1.07 -8.86 -7.33
N THR B 170 -0.43 -7.70 -7.32
CA THR B 170 -1.16 -6.46 -7.07
C THR B 170 -0.79 -5.35 -8.01
N VAL B 171 -1.79 -4.74 -8.62
CA VAL B 171 -1.57 -3.70 -9.59
C VAL B 171 -1.49 -2.36 -8.92
N LYS B 172 -0.42 -1.63 -9.20
CA LYS B 172 -0.32 -0.25 -8.76
C LYS B 172 -0.23 0.62 -10.03
N ILE B 173 -1.13 1.58 -10.18
CA ILE B 173 -1.01 2.52 -11.28
C ILE B 173 -0.04 3.61 -10.85
N GLY B 174 1.02 3.81 -11.65
CA GLY B 174 1.97 4.89 -11.36
C GLY B 174 2.09 6.05 -12.37
N ASP B 175 2.97 7.01 -12.05
CA ASP B 175 3.34 8.16 -12.87
C ASP B 175 2.24 9.16 -13.16
N PHE B 176 2.22 10.24 -12.38
CA PHE B 176 1.16 11.22 -12.45
C PHE B 176 1.69 12.56 -12.85
N GLY B 177 2.85 12.54 -13.49
CA GLY B 177 3.44 13.76 -14.05
C GLY B 177 2.45 14.51 -14.91
N LEU B 178 1.68 13.77 -15.71
CA LEU B 178 0.77 14.35 -16.66
C LEU B 178 -0.66 14.46 -16.17
N ALA B 179 -0.92 14.08 -14.92
CA ALA B 179 -2.31 13.99 -14.45
C ALA B 179 -2.95 15.35 -14.16
N THR B 180 -4.27 15.45 -14.27
CA THR B 180 -4.98 16.70 -13.95
C THR B 180 -6.08 16.50 -12.92
N VAL B 181 -6.47 17.61 -12.28
CA VAL B 181 -7.74 17.71 -11.56
C VAL B 181 -8.59 18.86 -12.12
N LEU B 194 9.67 17.01 -27.25
CA LEU B 194 10.47 15.79 -27.37
C LEU B 194 9.88 14.62 -26.54
N SER B 195 8.63 14.23 -26.84
CA SER B 195 7.91 13.12 -26.15
C SER B 195 6.48 12.75 -26.67
N GLY B 196 6.19 11.43 -26.77
CA GLY B 196 4.87 10.94 -27.16
C GLY B 196 4.65 9.44 -27.01
N SER B 197 3.50 9.07 -26.43
CA SER B 197 3.15 7.67 -26.29
C SER B 197 2.25 7.11 -27.40
N ILE B 198 1.00 7.56 -27.48
CA ILE B 198 0.17 7.48 -28.71
C ILE B 198 -0.53 6.15 -29.03
N LEU B 199 0.16 5.03 -28.82
CA LEU B 199 -0.43 3.72 -28.94
C LEU B 199 -1.68 3.59 -28.01
N TRP B 200 -1.75 4.42 -26.97
CA TRP B 200 -2.86 4.37 -26.02
C TRP B 200 -3.72 5.63 -26.10
N MET B 201 -3.35 6.49 -27.04
CA MET B 201 -3.98 7.78 -27.26
C MET B 201 -5.31 7.66 -28.05
N ALA B 202 -6.39 8.15 -27.48
CA ALA B 202 -7.65 8.16 -28.19
C ALA B 202 -7.56 9.11 -29.40
N PRO B 203 -8.32 8.81 -30.48
CA PRO B 203 -8.33 9.60 -31.71
C PRO B 203 -8.53 11.08 -31.44
N GLU B 204 -9.44 11.42 -30.54
CA GLU B 204 -9.67 12.82 -30.17
C GLU B 204 -8.43 13.51 -29.62
N VAL B 205 -7.62 12.75 -28.89
CA VAL B 205 -6.39 13.28 -28.28
C VAL B 205 -5.33 13.39 -29.37
N ILE B 206 -5.23 12.37 -30.23
CA ILE B 206 -4.30 12.42 -31.35
C ILE B 206 -4.47 13.65 -32.22
N ARG B 207 -5.71 13.96 -32.57
CA ARG B 207 -5.90 15.08 -33.46
C ARG B 207 -6.29 16.29 -32.64
N MET B 208 -5.32 16.89 -31.93
CA MET B 208 -5.63 17.89 -30.89
C MET B 208 -6.70 18.88 -31.33
N GLN B 209 -7.96 18.44 -31.16
CA GLN B 209 -9.11 19.06 -31.85
C GLN B 209 -9.61 20.28 -31.10
N ASP B 210 -9.17 20.41 -29.84
CA ASP B 210 -9.19 21.72 -29.15
C ASP B 210 -8.15 21.80 -28.04
N LYS B 211 -8.38 22.71 -27.10
CA LYS B 211 -7.56 22.77 -25.89
C LYS B 211 -7.64 21.43 -25.12
N ASN B 212 -8.86 20.84 -25.08
CA ASN B 212 -9.12 19.71 -24.20
C ASN B 212 -9.78 18.47 -24.77
N PRO B 213 -8.97 17.64 -25.43
CA PRO B 213 -9.22 16.27 -25.87
C PRO B 213 -9.33 15.27 -24.70
N TYR B 214 -8.67 15.62 -23.59
CA TYR B 214 -8.59 14.75 -22.43
C TYR B 214 -9.87 14.72 -21.59
N SER B 215 -10.20 13.54 -21.06
CA SER B 215 -11.45 13.37 -20.33
C SER B 215 -11.40 12.00 -19.68
N PHE B 216 -12.37 11.68 -18.83
CA PHE B 216 -12.46 10.33 -18.29
C PHE B 216 -12.50 9.34 -19.45
N GLN B 217 -13.22 9.76 -20.48
CA GLN B 217 -13.32 9.03 -21.71
C GLN B 217 -11.98 8.73 -22.38
N SER B 218 -11.06 9.67 -22.43
CA SER B 218 -9.81 9.37 -23.11
C SER B 218 -8.99 8.40 -22.25
N ASP B 219 -9.09 8.53 -20.91
CA ASP B 219 -8.49 7.53 -20.01
C ASP B 219 -9.13 6.17 -20.29
N VAL B 220 -10.45 6.12 -20.38
CA VAL B 220 -11.12 4.89 -20.73
C VAL B 220 -10.64 4.26 -22.03
N TYR B 221 -10.30 5.09 -23.00
CA TYR B 221 -9.72 4.57 -24.23
C TYR B 221 -8.36 3.88 -23.98
N ALA B 222 -7.49 4.55 -23.23
CA ALA B 222 -6.16 4.03 -22.93
C ALA B 222 -6.28 2.65 -22.27
N PHE B 223 -7.19 2.56 -21.31
CA PHE B 223 -7.57 1.29 -20.70
C PHE B 223 -8.02 0.25 -21.73
N GLY B 224 -8.81 0.68 -22.72
CA GLY B 224 -9.15 -0.19 -23.84
C GLY B 224 -7.91 -0.85 -24.49
N ILE B 225 -6.89 -0.04 -24.71
CA ILE B 225 -5.68 -0.54 -25.32
C ILE B 225 -4.90 -1.46 -24.40
N VAL B 226 -4.94 -1.23 -23.08
CA VAL B 226 -4.32 -2.21 -22.22
C VAL B 226 -5.18 -3.46 -22.04
N LEU B 227 -6.52 -3.38 -22.13
CA LEU B 227 -7.27 -4.63 -22.29
C LEU B 227 -6.79 -5.38 -23.52
N TYR B 228 -6.58 -4.66 -24.62
CA TYR B 228 -6.07 -5.26 -25.83
C TYR B 228 -4.75 -5.97 -25.55
N GLU B 229 -3.85 -5.31 -24.84
CA GLU B 229 -2.54 -5.90 -24.59
C GLU B 229 -2.66 -7.18 -23.75
N LEU B 230 -3.55 -7.14 -22.78
CA LEU B 230 -3.75 -8.28 -21.91
C LEU B 230 -4.28 -9.45 -22.72
N MET B 231 -5.30 -9.21 -23.55
CA MET B 231 -6.01 -10.29 -24.24
C MET B 231 -5.30 -10.78 -25.49
N THR B 232 -4.39 -10.01 -26.05
CA THR B 232 -3.72 -10.46 -27.27
C THR B 232 -2.24 -10.73 -26.99
N GLY B 233 -1.79 -10.28 -25.83
CA GLY B 233 -0.40 -10.43 -25.49
C GLY B 233 0.46 -9.55 -26.36
N GLN B 234 -0.17 -8.55 -26.98
CA GLN B 234 0.46 -7.84 -28.10
C GLN B 234 0.21 -6.34 -28.11
N LEU B 235 1.17 -5.55 -28.58
CA LEU B 235 0.85 -4.13 -28.85
C LEU B 235 0.02 -3.97 -30.17
N PRO B 236 -0.88 -3.00 -30.20
CA PRO B 236 -1.70 -2.76 -31.40
C PRO B 236 -0.86 -2.27 -32.58
N TYR B 237 -1.29 -2.61 -33.79
CA TYR B 237 -0.69 -2.05 -34.99
C TYR B 237 0.73 -2.51 -35.08
N SER B 238 1.05 -3.58 -34.36
CA SER B 238 2.37 -4.17 -34.36
C SER B 238 2.91 -4.41 -35.77
N ASN B 239 2.05 -4.48 -36.78
CA ASN B 239 2.53 -4.75 -38.12
C ASN B 239 2.72 -3.51 -38.99
N ILE B 240 2.62 -2.34 -38.38
CA ILE B 240 2.93 -1.07 -39.05
C ILE B 240 4.14 -0.47 -38.33
N ASN B 241 5.19 -0.14 -39.06
CA ASN B 241 6.50 0.05 -38.45
C ASN B 241 6.90 1.49 -38.56
N ASN B 242 5.92 2.33 -38.84
CA ASN B 242 6.17 3.73 -39.10
C ASN B 242 5.29 4.60 -38.21
N ARG B 243 5.89 5.40 -37.33
CA ARG B 243 5.14 5.95 -36.23
C ARG B 243 4.19 7.02 -36.71
N ASP B 244 4.62 7.81 -37.68
CA ASP B 244 3.79 8.91 -38.09
C ASP B 244 2.55 8.48 -38.82
N GLN B 245 2.63 7.38 -39.56
CA GLN B 245 1.45 6.88 -40.24
C GLN B 245 0.40 6.45 -39.22
N ILE B 246 0.85 5.74 -38.18
CA ILE B 246 -0.06 5.33 -37.15
C ILE B 246 -0.80 6.53 -36.57
N ILE B 247 -0.06 7.62 -36.31
CA ILE B 247 -0.68 8.78 -35.67
C ILE B 247 -1.70 9.32 -36.64
N PHE B 248 -1.26 9.56 -37.87
CA PHE B 248 -2.15 10.06 -38.89
C PHE B 248 -3.37 9.16 -39.07
N MET B 249 -3.16 7.85 -39.20
CA MET B 249 -4.31 6.96 -39.36
C MET B 249 -5.26 6.77 -38.17
N VAL B 250 -4.77 6.63 -36.95
CA VAL B 250 -5.71 6.57 -35.83
C VAL B 250 -6.46 7.90 -35.77
N GLY B 251 -5.72 8.99 -35.90
CA GLY B 251 -6.38 10.29 -35.83
C GLY B 251 -7.50 10.47 -36.85
N ARG B 252 -7.24 10.12 -38.10
CA ARG B 252 -8.19 10.30 -39.21
C ARG B 252 -9.30 9.30 -39.08
N GLY B 253 -8.96 8.12 -38.54
CA GLY B 253 -9.96 7.13 -38.22
C GLY B 253 -9.90 6.01 -39.21
N TYR B 254 -8.72 5.79 -39.77
CA TYR B 254 -8.49 4.81 -40.85
C TYR B 254 -8.02 3.51 -40.23
N LEU B 255 -7.34 3.64 -39.10
CA LEU B 255 -6.64 2.53 -38.45
C LEU B 255 -7.27 2.37 -37.09
N SER B 256 -7.45 1.13 -36.65
CA SER B 256 -7.97 0.91 -35.31
C SER B 256 -7.55 -0.50 -34.96
N PRO B 257 -7.60 -0.92 -33.67
CA PRO B 257 -7.03 -2.21 -33.27
C PRO B 257 -7.80 -3.43 -33.81
N ASP B 258 -7.06 -4.47 -34.21
CA ASP B 258 -7.66 -5.67 -34.75
C ASP B 258 -8.14 -6.62 -33.64
N LEU B 259 -9.45 -6.61 -33.37
CA LEU B 259 -9.98 -7.34 -32.23
C LEU B 259 -10.07 -8.84 -32.47
N SER B 260 -9.91 -9.26 -33.73
CA SER B 260 -9.63 -10.66 -34.09
C SER B 260 -8.61 -11.30 -33.19
N LYS B 261 -7.57 -10.57 -32.87
CA LYS B 261 -6.39 -11.15 -32.26
C LYS B 261 -6.56 -11.60 -30.79
N VAL B 262 -7.72 -11.32 -30.19
CA VAL B 262 -7.92 -11.65 -28.79
C VAL B 262 -7.84 -13.17 -28.63
N ARG B 263 -6.94 -13.64 -27.77
CA ARG B 263 -6.74 -15.09 -27.63
C ARG B 263 -8.09 -15.78 -27.37
N SER B 264 -8.16 -17.07 -27.69
CA SER B 264 -9.44 -17.75 -27.95
C SER B 264 -10.37 -17.92 -26.73
N ASN B 265 -9.78 -18.03 -25.55
CA ASN B 265 -10.54 -18.09 -24.31
C ASN B 265 -10.76 -16.73 -23.63
N CYS B 266 -10.54 -15.64 -24.35
CA CYS B 266 -11.05 -14.37 -23.90
C CYS B 266 -12.59 -14.51 -23.89
N PRO B 267 -13.23 -14.29 -22.74
CA PRO B 267 -14.69 -14.38 -22.74
C PRO B 267 -15.31 -13.37 -23.70
N LYS B 268 -16.50 -13.66 -24.22
CA LYS B 268 -17.19 -12.74 -25.13
C LYS B 268 -17.44 -11.38 -24.47
N ALA B 269 -17.81 -11.39 -23.20
CA ALA B 269 -18.10 -10.13 -22.49
C ALA B 269 -16.87 -9.20 -22.46
N MET B 270 -15.68 -9.80 -22.39
CA MET B 270 -14.47 -9.03 -22.33
C MET B 270 -14.12 -8.40 -23.67
N LYS B 271 -14.29 -9.17 -24.74
CA LYS B 271 -14.06 -8.69 -26.09
C LYS B 271 -15.01 -7.53 -26.35
N ARG B 272 -16.23 -7.66 -25.81
CA ARG B 272 -17.31 -6.71 -26.01
C ARG B 272 -17.06 -5.43 -25.21
N LEU B 273 -16.44 -5.57 -24.03
CA LEU B 273 -16.10 -4.43 -23.19
C LEU B 273 -14.90 -3.68 -23.79
N MET B 274 -14.03 -4.44 -24.41
CA MET B 274 -12.85 -3.87 -25.03
C MET B 274 -13.34 -2.97 -26.14
N ALA B 275 -14.25 -3.51 -26.96
CA ALA B 275 -14.77 -2.73 -28.06
C ALA B 275 -15.61 -1.51 -27.63
N GLU B 276 -16.26 -1.58 -26.48
CA GLU B 276 -16.91 -0.40 -25.94
C GLU B 276 -15.89 0.67 -25.59
N CYS B 277 -14.79 0.23 -25.00
CA CYS B 277 -13.84 1.16 -24.43
C CYS B 277 -13.12 1.90 -25.53
N LEU B 278 -13.07 1.26 -26.70
CA LEU B 278 -12.27 1.70 -27.83
C LEU B 278 -13.08 2.43 -28.88
N LYS B 279 -14.35 2.69 -28.60
CA LYS B 279 -15.22 3.40 -29.55
C LYS B 279 -14.54 4.68 -30.00
N LYS B 280 -14.55 4.96 -31.29
CA LYS B 280 -13.90 6.15 -31.82
C LYS B 280 -14.54 7.41 -31.28
N LYS B 281 -15.85 7.41 -31.12
CA LYS B 281 -16.55 8.56 -30.55
C LYS B 281 -16.54 8.41 -29.04
N ARG B 282 -16.04 9.40 -28.34
CA ARG B 282 -15.79 9.23 -26.93
C ARG B 282 -17.08 9.17 -26.09
N ASP B 283 -18.13 9.86 -26.53
CA ASP B 283 -19.41 9.78 -25.83
C ASP B 283 -20.05 8.40 -25.87
N GLU B 284 -19.49 7.47 -26.62
CA GLU B 284 -20.02 6.13 -26.64
C GLU B 284 -19.25 5.14 -25.77
N ARG B 285 -18.25 5.67 -25.09
CA ARG B 285 -17.49 4.89 -24.13
C ARG B 285 -18.11 4.87 -22.75
N PRO B 286 -18.07 3.70 -22.11
CA PRO B 286 -18.55 3.53 -20.73
C PRO B 286 -17.58 4.21 -19.76
N LEU B 287 -18.08 4.64 -18.62
CA LEU B 287 -17.24 5.19 -17.57
C LEU B 287 -16.81 4.03 -16.64
N PHE B 288 -15.82 4.29 -15.78
CA PHE B 288 -15.22 3.17 -15.06
C PHE B 288 -16.13 2.41 -14.12
N PRO B 289 -17.15 3.08 -13.53
CA PRO B 289 -18.08 2.29 -12.69
C PRO B 289 -18.67 1.13 -13.45
N GLN B 290 -19.16 1.45 -14.63
CA GLN B 290 -19.70 0.45 -15.51
C GLN B 290 -18.55 -0.50 -15.86
N ILE B 291 -17.43 0.02 -16.35
CA ILE B 291 -16.38 -0.88 -16.79
C ILE B 291 -16.08 -1.87 -15.67
N LEU B 292 -16.01 -1.35 -14.44
CA LEU B 292 -15.66 -2.13 -13.26
C LEU B 292 -16.66 -3.27 -13.01
N ALA B 293 -17.94 -2.90 -12.95
CA ALA B 293 -19.02 -3.86 -12.81
C ALA B 293 -18.90 -4.94 -13.87
N SER B 294 -18.69 -4.54 -15.12
CA SER B 294 -18.62 -5.52 -16.21
C SER B 294 -17.47 -6.47 -16.00
N ILE B 295 -16.37 -6.03 -15.41
CA ILE B 295 -15.25 -6.95 -15.29
C ILE B 295 -15.44 -7.88 -14.11
N GLU B 296 -16.07 -7.38 -13.04
CA GLU B 296 -16.31 -8.16 -11.83
C GLU B 296 -17.38 -9.21 -12.09
N LEU B 297 -18.31 -8.87 -12.98
CA LEU B 297 -19.31 -9.84 -13.38
C LEU B 297 -18.70 -10.94 -14.22
N LEU B 298 -17.89 -10.62 -15.22
CA LEU B 298 -17.37 -11.66 -16.10
C LEU B 298 -16.31 -12.50 -15.41
N ALA B 299 -15.90 -12.05 -14.24
CA ALA B 299 -14.91 -12.79 -13.45
C ALA B 299 -15.63 -13.80 -12.57
N ARG B 300 -16.78 -13.42 -12.05
CA ARG B 300 -17.60 -14.34 -11.27
C ARG B 300 -18.05 -15.53 -12.10
N SER B 301 -18.29 -15.30 -13.38
CA SER B 301 -18.72 -16.35 -14.30
C SER B 301 -17.54 -17.18 -14.82
N LEU B 302 -16.33 -16.71 -14.55
CA LEU B 302 -15.16 -17.19 -15.27
C LEU B 302 -14.47 -18.46 -14.75
N PRO B 303 -14.27 -18.60 -13.42
CA PRO B 303 -13.52 -19.79 -12.98
C PRO B 303 -14.19 -21.10 -13.46
N LYS B 304 -15.37 -20.94 -14.06
CA LYS B 304 -16.02 -21.95 -14.91
C LYS B 304 -15.92 -21.51 -16.41
#